data_6XQ9
#
_entry.id   6XQ9
#
_cell.length_a   102.112
_cell.length_b   102.112
_cell.length_c   102.179
_cell.angle_alpha   90.000
_cell.angle_beta   90.000
_cell.angle_gamma   120.000
#
_symmetry.space_group_name_H-M   'P 62'
#
loop_
_entity.id
_entity.type
_entity.pdbx_description
1 polymer 'Advanced glycosylation end product-specific receptor'
2 non-polymer 'ACETATE ION'
3 non-polymer '4-(3-hydroxyphenoxy)benzoic acid'
4 non-polymer '7-methyl-3-phenyl-1H-indole-2-carboxylic acid'
5 water water
#
_entity_poly.entity_id   1
_entity_poly.type   'polypeptide(L)'
_entity_poly.pdbx_seq_one_letter_code
;GAMAQNITARIGEPLVLKCKGAPKKPPQRLEWKLNTGRTEAWKVLSPQGGGPWDSVARVLPNGSLFLPAVGIQDEGIFRC
QAMNRNGKETKSNYRVRVYQIPGKPEIVDSASELTAGVPNKVGTCVSEGSYPAGTLSWHLDGKPLVPNEKGVSVKEQTRR
HPETGLFTLQSELMVTPARGGDPRPTFSCSFSPGLPRHRALRTAPIQPRVWE
;
_entity_poly.pdbx_strand_id   A,B
#
loop_
_chem_comp.id
_chem_comp.type
_chem_comp.name
_chem_comp.formula
ACT non-polymer 'ACETATE ION' 'C2 H3 O2 -1'
V6M non-polymer '7-methyl-3-phenyl-1H-indole-2-carboxylic acid' 'C16 H13 N O2'
V6S non-polymer '4-(3-hydroxyphenoxy)benzoic acid' 'C13 H10 O4'
#
# COMPACT_ATOMS: atom_id res chain seq x y z
N GLY A 1 6.64 -23.24 10.68
CA GLY A 1 6.22 -23.35 9.30
C GLY A 1 7.33 -23.07 8.31
N ALA A 2 6.98 -22.42 7.20
CA ALA A 2 7.91 -22.11 6.13
C ALA A 2 8.28 -20.63 6.16
N MET A 3 9.23 -20.26 5.32
CA MET A 3 9.58 -18.85 5.18
C MET A 3 8.41 -18.06 4.62
N ALA A 4 8.01 -17.02 5.33
CA ALA A 4 6.86 -16.24 4.94
C ALA A 4 7.14 -14.76 5.12
N GLN A 5 6.36 -13.95 4.42
CA GLN A 5 6.32 -12.53 4.66
C GLN A 5 5.29 -12.25 5.75
N ASN A 6 5.72 -11.57 6.81
CA ASN A 6 4.81 -11.19 7.88
C ASN A 6 3.98 -9.98 7.45
N ILE A 7 2.66 -10.12 7.54
CA ILE A 7 1.71 -9.07 7.20
C ILE A 7 0.94 -8.70 8.46
N THR A 8 0.87 -7.42 8.76
CA THR A 8 0.05 -6.92 9.87
C THR A 8 -1.14 -6.18 9.28
N ALA A 9 -2.34 -6.67 9.58
CA ALA A 9 -3.57 -6.16 8.99
C ALA A 9 -4.47 -5.61 10.09
N ARG A 10 -4.99 -4.41 9.87
CA ARG A 10 -5.85 -3.76 10.84
C ARG A 10 -7.29 -4.24 10.69
N ILE A 11 -7.94 -4.54 11.81
CA ILE A 11 -9.32 -5.03 11.80
C ILE A 11 -10.23 -3.98 11.16
N GLY A 12 -11.08 -4.42 10.24
CA GLY A 12 -11.98 -3.53 9.58
C GLY A 12 -11.45 -2.93 8.29
N GLU A 13 -10.09 -2.97 8.06
CA GLU A 13 -9.57 -2.45 6.81
C GLU A 13 -9.57 -3.54 5.74
N PRO A 14 -9.55 -3.18 4.47
CA PRO A 14 -9.33 -4.18 3.41
C PRO A 14 -7.90 -4.70 3.45
N LEU A 15 -7.70 -5.88 2.86
CA LEU A 15 -6.37 -6.43 2.67
C LEU A 15 -6.23 -7.03 1.28
N VAL A 16 -5.13 -6.71 0.61
CA VAL A 16 -4.80 -7.30 -0.69
C VAL A 16 -3.52 -8.09 -0.51
N LEU A 17 -3.55 -9.37 -0.85
CA LEU A 17 -2.36 -10.20 -0.78
C LEU A 17 -1.96 -10.57 -2.20
N LYS A 18 -0.74 -10.27 -2.56
CA LYS A 18 -0.27 -10.52 -3.89
C LYS A 18 0.32 -11.89 -4.19
N CYS A 19 -0.17 -12.45 -5.33
CA CYS A 19 0.13 -13.70 -5.91
C CYS A 19 1.21 -13.53 -6.97
N LYS A 20 2.44 -13.48 -6.49
CA LYS A 20 3.60 -13.31 -7.32
C LYS A 20 3.63 -14.36 -8.43
N GLY A 21 4.11 -13.95 -9.59
CA GLY A 21 4.32 -14.87 -10.68
C GLY A 21 3.07 -15.25 -11.43
N ALA A 22 1.95 -14.64 -11.14
CA ALA A 22 0.78 -15.06 -11.91
C ALA A 22 0.61 -14.19 -13.15
N PRO A 23 -0.03 -14.72 -14.19
CA PRO A 23 -0.40 -13.86 -15.33
C PRO A 23 -1.22 -12.67 -14.86
N LYS A 24 -1.11 -11.56 -15.60
CA LYS A 24 -1.71 -10.30 -15.16
C LYS A 24 -3.24 -10.30 -15.25
N LYS A 25 -3.82 -11.23 -15.99
CA LYS A 25 -5.26 -11.28 -16.18
C LYS A 25 -5.62 -12.69 -16.64
N PRO A 26 -6.87 -13.11 -16.44
CA PRO A 26 -7.25 -14.46 -16.88
C PRO A 26 -7.07 -14.60 -18.37
N PRO A 27 -6.72 -15.80 -18.86
CA PRO A 27 -6.59 -17.11 -18.19
C PRO A 27 -5.38 -17.24 -17.25
N GLN A 28 -5.60 -17.84 -16.08
CA GLN A 28 -4.61 -17.93 -15.02
C GLN A 28 -4.67 -19.30 -14.36
N ARG A 29 -3.51 -19.94 -14.18
CA ARG A 29 -3.41 -21.20 -13.42
C ARG A 29 -2.82 -20.86 -12.05
N LEU A 30 -3.69 -20.60 -11.09
CA LEU A 30 -3.21 -20.23 -9.77
C LEU A 30 -4.20 -20.75 -8.74
N GLU A 31 -3.72 -20.88 -7.51
CA GLU A 31 -4.52 -21.44 -6.43
C GLU A 31 -4.11 -20.78 -5.13
N TRP A 32 -5.10 -20.40 -4.32
CA TRP A 32 -4.87 -19.81 -3.01
C TRP A 32 -5.26 -20.87 -1.98
N LYS A 33 -4.42 -21.06 -0.97
CA LYS A 33 -4.70 -21.92 0.16
C LYS A 33 -4.57 -21.08 1.42
N LEU A 34 -5.54 -21.17 2.30
CA LEU A 34 -5.45 -20.41 3.54
C LEU A 34 -5.82 -21.29 4.73
N ASN A 35 -5.21 -20.99 5.86
CA ASN A 35 -5.47 -21.69 7.12
C ASN A 35 -5.63 -20.59 8.18
N THR A 36 -6.87 -20.28 8.54
CA THR A 36 -7.10 -19.20 9.50
C THR A 36 -8.06 -19.67 10.59
N GLY A 37 -8.45 -18.75 11.47
CA GLY A 37 -9.48 -19.07 12.44
C GLY A 37 -10.81 -19.38 11.80
N ARG A 38 -10.97 -19.02 10.53
CA ARG A 38 -12.17 -19.34 9.79
C ARG A 38 -12.16 -20.75 9.22
N THR A 39 -11.00 -21.40 9.16
CA THR A 39 -10.90 -22.66 8.43
C THR A 39 -10.66 -23.83 9.37
N GLU A 40 -11.08 -24.99 8.89
CA GLU A 40 -10.64 -26.28 9.40
C GLU A 40 -9.44 -26.67 8.55
N ALA A 41 -8.23 -26.40 9.04
CA ALA A 41 -6.97 -26.66 8.30
C ALA A 41 -6.98 -25.81 7.01
N TRP A 42 -6.59 -26.38 5.87
CA TRP A 42 -6.44 -25.62 4.64
C TRP A 42 -7.76 -25.54 3.88
N LYS A 43 -8.07 -24.33 3.39
CA LYS A 43 -9.18 -24.08 2.49
C LYS A 43 -8.62 -23.54 1.18
N VAL A 44 -9.11 -24.09 0.05
CA VAL A 44 -8.63 -23.73 -1.28
C VAL A 44 -9.60 -22.74 -1.91
N LEU A 45 -9.05 -21.63 -2.41
CA LEU A 45 -9.78 -20.59 -3.12
C LEU A 45 -9.25 -20.48 -4.54
N SER A 46 -10.16 -20.38 -5.51
CA SER A 46 -9.86 -20.37 -6.92
C SER A 46 -10.38 -19.10 -7.59
N PRO A 47 -9.84 -18.72 -8.75
CA PRO A 47 -10.37 -17.56 -9.48
C PRO A 47 -11.87 -17.61 -9.73
N GLN A 48 -12.44 -18.81 -9.92
CA GLN A 48 -13.87 -18.90 -10.20
C GLN A 48 -14.70 -18.48 -8.98
N GLY A 49 -14.17 -18.70 -7.77
CA GLY A 49 -14.88 -18.29 -6.58
C GLY A 49 -16.16 -19.09 -6.37
N GLY A 50 -17.13 -18.45 -5.74
CA GLY A 50 -18.41 -19.07 -5.46
C GLY A 50 -18.55 -19.46 -4.00
N GLY A 51 -19.80 -19.59 -3.58
CA GLY A 51 -20.13 -20.05 -2.25
C GLY A 51 -19.98 -18.97 -1.20
N PRO A 52 -20.15 -19.35 0.07
CA PRO A 52 -20.08 -18.36 1.15
C PRO A 52 -18.75 -17.62 1.22
N TRP A 53 -17.64 -18.24 0.83
CA TRP A 53 -16.35 -17.57 0.90
C TRP A 53 -16.30 -16.30 0.07
N ASP A 54 -17.17 -16.15 -0.92
CA ASP A 54 -17.21 -14.91 -1.70
C ASP A 54 -17.53 -13.70 -0.83
N SER A 55 -18.17 -13.89 0.33
CA SER A 55 -18.43 -12.75 1.21
C SER A 55 -17.24 -12.38 2.07
N VAL A 56 -16.17 -13.20 2.07
CA VAL A 56 -15.04 -13.01 2.97
C VAL A 56 -13.76 -12.73 2.21
N ALA A 57 -13.46 -13.53 1.19
CA ALA A 57 -12.19 -13.40 0.51
C ALA A 57 -12.38 -13.87 -0.91
N ARG A 58 -11.94 -13.07 -1.87
CA ARG A 58 -12.14 -13.42 -3.26
C ARG A 58 -10.91 -13.06 -4.08
N VAL A 59 -10.66 -13.87 -5.10
CA VAL A 59 -9.51 -13.69 -6.00
C VAL A 59 -9.81 -12.59 -7.01
N LEU A 60 -8.94 -11.59 -7.07
CA LEU A 60 -9.09 -10.45 -7.99
C LEU A 60 -8.71 -10.83 -9.42
N PRO A 61 -9.12 -10.00 -10.40
CA PRO A 61 -8.74 -10.27 -11.80
C PRO A 61 -7.24 -10.50 -12.02
N ASN A 62 -6.39 -9.79 -11.30
CA ASN A 62 -4.95 -9.96 -11.41
C ASN A 62 -4.43 -11.11 -10.57
N GLY A 63 -5.32 -11.88 -9.92
CA GLY A 63 -4.93 -13.04 -9.15
C GLY A 63 -4.63 -12.80 -7.69
N SER A 64 -4.57 -11.55 -7.24
CA SER A 64 -4.40 -11.26 -5.82
C SER A 64 -5.66 -11.64 -5.05
N LEU A 65 -5.47 -11.95 -3.76
CA LEU A 65 -6.59 -12.24 -2.88
C LEU A 65 -7.02 -10.98 -2.14
N PHE A 66 -8.33 -10.72 -2.13
CA PHE A 66 -8.88 -9.50 -1.56
C PHE A 66 -9.84 -9.83 -0.42
N LEU A 67 -9.63 -9.21 0.73
CA LEU A 67 -10.55 -9.26 1.86
C LEU A 67 -11.12 -7.87 2.08
N PRO A 68 -12.42 -7.65 1.87
CA PRO A 68 -12.97 -6.29 2.05
C PRO A 68 -12.79 -5.72 3.44
N ALA A 69 -12.91 -6.54 4.49
CA ALA A 69 -12.76 -6.05 5.85
C ALA A 69 -12.22 -7.17 6.73
N VAL A 70 -10.95 -7.04 7.14
CA VAL A 70 -10.28 -8.06 7.93
C VAL A 70 -10.89 -8.16 9.32
N GLY A 71 -11.17 -9.39 9.77
CA GLY A 71 -11.63 -9.65 11.11
C GLY A 71 -10.62 -10.44 11.92
N ILE A 72 -10.91 -10.55 13.23
CA ILE A 72 -10.02 -11.27 14.14
C ILE A 72 -9.74 -12.68 13.63
N GLN A 73 -10.74 -13.32 13.04
CA GLN A 73 -10.61 -14.70 12.60
C GLN A 73 -9.79 -14.87 11.30
N ASP A 74 -9.30 -13.79 10.68
CA ASP A 74 -8.49 -13.89 9.46
C ASP A 74 -6.98 -14.10 9.69
N GLU A 75 -6.44 -13.93 10.89
CA GLU A 75 -5.25 -14.59 11.41
C GLU A 75 -5.15 -16.05 11.26
N GLY A 76 -3.97 -16.33 10.61
CA GLY A 76 -3.45 -17.56 10.06
C GLY A 76 -2.49 -17.30 8.87
N ILE A 77 -2.53 -18.23 7.89
CA ILE A 77 -1.55 -18.38 6.82
C ILE A 77 -2.23 -18.29 5.45
N PHE A 78 -1.66 -17.53 4.53
CA PHE A 78 -2.21 -17.37 3.17
C PHE A 78 -1.12 -17.70 2.16
N ARG A 79 -1.38 -18.65 1.27
CA ARG A 79 -0.41 -19.08 0.27
C ARG A 79 -0.99 -19.06 -1.13
N CYS A 80 -0.18 -18.65 -2.09
CA CYS A 80 -0.56 -18.73 -3.49
C CYS A 80 0.47 -19.58 -4.22
N GLN A 81 -0.01 -20.32 -5.22
CA GLN A 81 0.85 -21.03 -6.14
C GLN A 81 0.33 -20.74 -7.54
N ALA A 82 1.20 -20.25 -8.42
CA ALA A 82 0.80 -19.84 -9.76
C ALA A 82 1.80 -20.35 -10.78
N MET A 83 1.33 -20.58 -11.99
CA MET A 83 2.16 -20.90 -13.14
C MET A 83 2.08 -19.78 -14.17
N ASN A 84 3.23 -19.30 -14.63
CA ASN A 84 3.21 -18.37 -15.74
C ASN A 84 2.97 -19.11 -17.06
N ARG A 85 2.67 -18.33 -18.11
CA ARG A 85 2.34 -18.88 -19.42
C ARG A 85 3.34 -19.94 -19.88
N ASN A 86 4.64 -19.69 -19.70
CA ASN A 86 5.64 -20.71 -19.99
C ASN A 86 5.41 -21.97 -19.15
N GLY A 87 5.48 -21.85 -17.83
CA GLY A 87 5.22 -22.98 -16.97
C GLY A 87 5.97 -22.98 -15.66
N LYS A 88 6.79 -21.96 -15.40
CA LYS A 88 7.48 -21.87 -14.13
C LYS A 88 6.47 -21.65 -13.00
N GLU A 89 6.64 -22.39 -11.91
CA GLU A 89 5.78 -22.27 -10.74
C GLU A 89 6.37 -21.27 -9.76
N THR A 90 5.53 -20.39 -9.23
CA THR A 90 5.92 -19.41 -8.23
C THR A 90 5.00 -19.53 -7.00
N LYS A 91 5.60 -19.42 -5.82
CA LYS A 91 4.90 -19.54 -4.56
C LYS A 91 4.98 -18.25 -3.77
N SER A 92 3.91 -17.95 -3.04
CA SER A 92 3.81 -16.78 -2.17
C SER A 92 3.29 -17.24 -0.82
N ASN A 93 3.99 -16.89 0.25
CA ASN A 93 3.67 -17.35 1.60
C ASN A 93 3.56 -16.15 2.54
N TYR A 94 2.39 -15.99 3.17
CA TYR A 94 2.10 -14.84 4.01
C TYR A 94 1.61 -15.31 5.37
N ARG A 95 2.15 -14.71 6.43
CA ARG A 95 1.67 -14.93 7.80
C ARG A 95 0.92 -13.67 8.20
N VAL A 96 -0.41 -13.74 8.22
CA VAL A 96 -1.22 -12.57 8.52
C VAL A 96 -1.56 -12.60 9.99
N ARG A 97 -1.15 -11.51 10.68
CA ARG A 97 -1.46 -11.15 12.07
C ARG A 97 -2.32 -9.90 12.11
N VAL A 98 -3.42 -9.92 12.86
CA VAL A 98 -4.40 -8.84 12.84
C VAL A 98 -4.24 -7.98 14.10
N TYR A 99 -4.68 -6.73 14.00
CA TYR A 99 -4.53 -5.81 15.12
C TYR A 99 -5.60 -4.71 15.04
N GLN A 100 -5.81 -4.03 16.18
CA GLN A 100 -6.62 -2.83 16.25
C GLN A 100 -6.01 -1.87 17.25
N ILE A 101 -6.02 -0.58 16.89
CA ILE A 101 -5.46 0.46 17.75
C ILE A 101 -6.53 0.93 18.73
N PRO A 102 -6.25 0.96 20.03
CA PRO A 102 -7.26 1.44 20.98
C PRO A 102 -7.42 2.95 20.88
N GLY A 103 -8.43 3.45 21.57
CA GLY A 103 -8.53 4.88 21.77
C GLY A 103 -7.44 5.36 22.70
N LYS A 104 -7.24 6.68 22.71
CA LYS A 104 -6.25 7.29 23.57
C LYS A 104 -6.43 6.81 25.01
N PRO A 105 -5.36 6.47 25.71
CA PRO A 105 -5.51 6.07 27.11
C PRO A 105 -5.91 7.26 27.98
N GLU A 106 -6.70 6.97 29.00
CA GLU A 106 -7.27 8.02 29.84
C GLU A 106 -7.01 7.69 31.30
N ILE A 107 -6.57 8.68 32.06
CA ILE A 107 -6.44 8.53 33.49
C ILE A 107 -7.78 8.93 34.10
N VAL A 108 -8.51 7.96 34.59
CA VAL A 108 -9.72 8.20 35.35
C VAL A 108 -9.36 8.00 36.80
N ASP A 109 -10.08 8.69 37.68
CA ASP A 109 -9.78 8.71 39.11
C ASP A 109 -8.30 8.92 39.38
N SER A 110 -7.92 10.15 39.72
CA SER A 110 -6.56 10.46 40.08
C SER A 110 -6.54 11.08 41.48
N ALA A 111 -5.43 10.92 42.18
CA ALA A 111 -5.30 11.50 43.50
C ALA A 111 -4.68 12.88 43.36
N SER A 112 -5.22 13.85 44.10
CA SER A 112 -4.68 15.20 44.09
CA SER A 112 -4.68 15.20 44.09
C SER A 112 -3.61 15.41 45.14
N GLU A 113 -3.59 14.58 46.19
CA GLU A 113 -2.61 14.71 47.27
C GLU A 113 -2.08 13.33 47.63
N LEU A 114 -0.76 13.22 47.73
CA LEU A 114 -0.09 12.02 48.24
C LEU A 114 0.65 12.37 49.52
N THR A 115 0.78 11.37 50.39
CA THR A 115 1.50 11.50 51.65
C THR A 115 2.76 10.64 51.59
N ALA A 116 3.91 11.26 51.88
CA ALA A 116 5.18 10.56 51.75
C ALA A 116 5.34 9.50 52.83
N GLY A 117 6.06 8.43 52.49
CA GLY A 117 6.31 7.35 53.41
C GLY A 117 5.16 6.38 53.64
N VAL A 118 3.99 6.63 53.05
CA VAL A 118 2.90 5.67 53.11
C VAL A 118 2.51 5.31 51.69
N PRO A 119 1.96 4.10 51.46
CA PRO A 119 1.46 3.78 50.11
C PRO A 119 0.21 4.59 49.77
N ASN A 120 0.19 5.16 48.56
CA ASN A 120 -0.86 6.03 48.07
C ASN A 120 -1.40 5.50 46.77
N LYS A 121 -2.73 5.50 46.63
CA LYS A 121 -3.35 5.26 45.33
C LYS A 121 -3.21 6.51 44.46
N VAL A 122 -2.52 6.38 43.32
CA VAL A 122 -2.24 7.52 42.45
C VAL A 122 -3.35 7.72 41.42
N GLY A 123 -3.84 6.66 40.80
CA GLY A 123 -4.82 6.82 39.74
C GLY A 123 -5.11 5.51 39.06
N THR A 124 -6.04 5.57 38.10
CA THR A 124 -6.46 4.41 37.34
C THR A 124 -6.40 4.79 35.87
N CYS A 125 -5.74 3.97 35.07
CA CYS A 125 -5.63 4.23 33.64
C CYS A 125 -6.49 3.22 32.89
N VAL A 126 -7.21 3.70 31.87
CA VAL A 126 -8.12 2.88 31.10
C VAL A 126 -7.82 3.06 29.62
N SER A 127 -7.82 1.94 28.89
CA SER A 127 -7.61 1.89 27.45
C SER A 127 -8.66 0.96 26.83
N GLU A 128 -9.35 1.43 25.80
CA GLU A 128 -10.45 0.69 25.21
C GLU A 128 -10.21 0.44 23.73
N GLY A 129 -10.41 -0.81 23.30
CA GLY A 129 -10.49 -1.15 21.90
C GLY A 129 -9.23 -1.69 21.24
N SER A 130 -8.34 -2.33 21.99
CA SER A 130 -7.12 -2.87 21.41
C SER A 130 -7.31 -4.34 20.99
N TYR A 131 -6.57 -4.72 19.94
CA TYR A 131 -6.36 -6.13 19.61
C TYR A 131 -4.94 -6.22 19.07
N PRO A 132 -4.13 -7.19 19.55
CA PRO A 132 -4.30 -7.95 20.79
C PRO A 132 -4.31 -7.06 22.04
N ALA A 133 -4.46 -7.65 23.22
CA ALA A 133 -4.70 -6.89 24.45
C ALA A 133 -3.75 -5.72 24.60
N GLY A 134 -2.45 -5.97 24.52
CA GLY A 134 -1.48 -4.92 24.79
C GLY A 134 -1.29 -4.76 26.28
N THR A 135 -0.50 -3.75 26.66
CA THR A 135 -0.22 -3.52 28.08
C THR A 135 -0.33 -2.03 28.40
N LEU A 136 -0.70 -1.74 29.64
CA LEU A 136 -0.63 -0.39 30.18
C LEU A 136 0.56 -0.28 31.10
N SER A 137 1.28 0.84 31.02
CA SER A 137 2.45 1.05 31.88
C SER A 137 2.47 2.49 32.37
N TRP A 138 3.17 2.70 33.49
CA TRP A 138 3.16 3.97 34.19
C TRP A 138 4.55 4.62 34.15
N HIS A 139 4.56 5.95 34.16
CA HIS A 139 5.79 6.73 34.06
C HIS A 139 5.78 7.84 35.10
N LEU A 140 6.93 8.09 35.71
CA LEU A 140 7.14 9.18 36.66
C LEU A 140 8.20 10.12 36.11
N ASP A 141 7.79 11.37 35.84
CA ASP A 141 8.70 12.40 35.33
C ASP A 141 9.47 11.91 34.11
N GLY A 142 8.76 11.20 33.22
CA GLY A 142 9.35 10.69 32.00
C GLY A 142 10.04 9.34 32.13
N LYS A 143 10.33 8.88 33.35
CA LYS A 143 11.05 7.63 33.56
C LYS A 143 10.09 6.48 33.84
N PRO A 144 10.28 5.33 33.22
CA PRO A 144 9.39 4.17 33.48
C PRO A 144 9.35 3.79 34.95
N LEU A 145 8.14 3.49 35.44
CA LEU A 145 7.95 2.94 36.77
C LEU A 145 7.89 1.42 36.71
N VAL A 146 8.72 0.76 37.50
CA VAL A 146 8.84 -0.69 37.50
C VAL A 146 8.09 -1.24 38.71
N PRO A 147 7.10 -2.11 38.54
CA PRO A 147 6.34 -2.64 39.69
C PRO A 147 7.25 -3.33 40.70
N ASN A 148 6.72 -3.44 41.92
CA ASN A 148 7.41 -4.04 43.07
C ASN A 148 8.68 -3.29 43.45
N GLU A 149 9.38 -2.68 42.50
CA GLU A 149 10.67 -2.11 42.81
C GLU A 149 10.55 -0.85 43.67
N LYS A 150 10.72 -1.02 44.99
CA LYS A 150 10.88 0.09 45.93
C LYS A 150 9.68 1.05 45.92
N GLY A 151 8.54 0.52 46.37
CA GLY A 151 7.37 1.36 46.60
C GLY A 151 6.36 1.45 45.48
N VAL A 152 6.61 0.82 44.34
CA VAL A 152 5.67 0.83 43.21
C VAL A 152 4.88 -0.48 43.23
N SER A 153 3.55 -0.37 43.15
CA SER A 153 2.67 -1.52 43.04
C SER A 153 1.66 -1.25 41.95
N VAL A 154 1.54 -2.16 40.99
CA VAL A 154 0.60 -2.03 39.88
C VAL A 154 -0.31 -3.24 39.89
N LYS A 155 -1.61 -2.98 39.78
CA LYS A 155 -2.56 -4.06 39.55
C LYS A 155 -3.26 -3.80 38.22
N GLU A 156 -3.63 -4.87 37.51
CA GLU A 156 -4.17 -4.72 36.17
C GLU A 156 -5.37 -5.63 35.96
N GLN A 157 -6.22 -5.25 34.99
CA GLN A 157 -7.44 -5.97 34.67
C GLN A 157 -7.68 -5.86 33.17
N THR A 158 -8.11 -6.99 32.58
CA THR A 158 -8.36 -7.10 31.14
C THR A 158 -9.78 -7.59 30.93
N ARG A 159 -10.57 -6.81 30.20
CA ARG A 159 -11.94 -7.17 29.87
C ARG A 159 -12.06 -7.29 28.35
N ARG A 160 -13.06 -8.04 27.91
CA ARG A 160 -13.22 -8.30 26.49
C ARG A 160 -14.63 -7.93 26.06
N HIS A 161 -14.73 -7.15 24.98
CA HIS A 161 -16.04 -6.77 24.47
C HIS A 161 -16.78 -8.03 24.01
N PRO A 162 -18.00 -8.26 24.50
CA PRO A 162 -18.68 -9.53 24.21
C PRO A 162 -18.98 -9.79 22.73
N GLU A 163 -19.03 -8.78 21.87
CA GLU A 163 -19.32 -9.06 20.47
C GLU A 163 -18.19 -8.72 19.50
N THR A 164 -17.36 -7.71 19.77
CA THR A 164 -16.26 -7.39 18.85
C THR A 164 -14.98 -8.13 19.20
N GLY A 165 -14.83 -8.61 20.43
CA GLY A 165 -13.60 -9.25 20.85
C GLY A 165 -12.47 -8.31 21.17
N LEU A 166 -12.67 -6.99 21.07
CA LEU A 166 -11.61 -6.04 21.39
C LEU A 166 -11.44 -5.94 22.90
N PHE A 167 -10.23 -5.55 23.31
CA PHE A 167 -9.85 -5.58 24.73
C PHE A 167 -9.92 -4.19 25.36
N THR A 168 -10.33 -4.16 26.62
CA THR A 168 -10.27 -2.98 27.45
C THR A 168 -9.34 -3.27 28.62
N LEU A 169 -8.36 -2.40 28.84
CA LEU A 169 -7.39 -2.57 29.92
C LEU A 169 -7.60 -1.50 30.98
N GLN A 170 -7.40 -1.88 32.25
CA GLN A 170 -7.49 -0.92 33.35
C GLN A 170 -6.38 -1.23 34.35
N SER A 171 -5.55 -0.22 34.63
CA SER A 171 -4.37 -0.36 35.49
C SER A 171 -4.43 0.62 36.66
N GLU A 172 -4.18 0.12 37.87
CA GLU A 172 -4.17 0.91 39.10
C GLU A 172 -2.74 1.00 39.63
N LEU A 173 -2.26 2.22 39.86
CA LEU A 173 -0.91 2.49 40.35
C LEU A 173 -0.94 2.96 41.79
N MET A 174 -0.10 2.35 42.63
CA MET A 174 0.13 2.79 43.98
C MET A 174 1.62 3.04 44.16
N VAL A 175 1.96 4.15 44.80
CA VAL A 175 3.36 4.50 45.05
C VAL A 175 3.53 4.86 46.51
N THR A 176 4.67 4.48 47.08
CA THR A 176 5.08 4.96 48.38
C THR A 176 6.16 6.00 48.16
N PRO A 177 5.82 7.29 48.14
CA PRO A 177 6.83 8.29 47.80
C PRO A 177 7.83 8.45 48.93
N ALA A 178 9.06 8.80 48.56
CA ALA A 178 10.16 8.88 49.51
C ALA A 178 10.26 10.29 50.08
N ARG A 179 10.58 10.36 51.38
CA ARG A 179 10.76 11.65 52.03
C ARG A 179 11.89 12.42 51.36
N GLY A 180 11.66 13.70 51.11
CA GLY A 180 12.65 14.54 50.45
C GLY A 180 12.58 14.57 48.94
N GLY A 181 11.48 14.13 48.33
CA GLY A 181 11.37 14.07 46.89
C GLY A 181 10.71 15.31 46.30
N ASP A 182 10.52 15.27 44.99
CA ASP A 182 9.79 16.33 44.31
C ASP A 182 8.40 16.44 44.92
N PRO A 183 8.01 17.61 45.45
CA PRO A 183 6.66 17.74 46.02
C PRO A 183 5.56 17.81 44.98
N ARG A 184 5.89 17.98 43.70
CA ARG A 184 4.90 17.97 42.62
C ARG A 184 5.36 17.03 41.51
N PRO A 185 5.31 15.72 41.74
CA PRO A 185 5.73 14.77 40.71
C PRO A 185 4.71 14.67 39.60
N THR A 186 5.17 14.23 38.43
CA THR A 186 4.34 14.15 37.23
C THR A 186 4.22 12.69 36.79
N PHE A 187 3.02 12.13 36.92
CA PHE A 187 2.74 10.75 36.53
C PHE A 187 1.97 10.70 35.22
N SER A 188 2.34 9.77 34.34
CA SER A 188 1.64 9.54 33.08
C SER A 188 1.41 8.05 32.88
N CYS A 189 0.44 7.72 32.03
CA CYS A 189 0.15 6.34 31.65
C CYS A 189 0.26 6.19 30.13
N SER A 190 0.70 5.01 29.69
CA SER A 190 0.91 4.77 28.28
CA SER A 190 0.91 4.77 28.28
C SER A 190 0.46 3.37 27.91
N PHE A 191 -0.02 3.23 26.66
CA PHE A 191 -0.39 1.95 26.09
C PHE A 191 0.72 1.45 25.18
N SER A 192 1.11 0.19 25.35
CA SER A 192 2.11 -0.47 24.52
C SER A 192 1.45 -1.58 23.71
N PRO A 193 1.53 -1.53 22.39
CA PRO A 193 0.85 -2.52 21.55
C PRO A 193 1.51 -3.89 21.61
N GLY A 194 0.73 -4.90 21.25
CA GLY A 194 1.25 -6.26 21.19
C GLY A 194 2.17 -6.50 20.01
N LEU A 195 1.69 -6.17 18.81
CA LEU A 195 2.46 -6.33 17.58
C LEU A 195 3.61 -5.33 17.49
N PRO A 196 4.78 -5.76 17.02
CA PRO A 196 5.94 -4.85 17.01
C PRO A 196 5.70 -3.69 16.06
N ARG A 197 6.51 -2.64 16.24
CA ARG A 197 6.61 -1.44 15.38
C ARG A 197 5.49 -0.42 15.51
N HIS A 198 4.60 -0.49 16.51
CA HIS A 198 3.57 0.52 16.69
C HIS A 198 3.97 1.55 17.74
N ARG A 199 3.40 2.75 17.63
CA ARG A 199 3.76 3.85 18.53
C ARG A 199 3.03 3.72 19.87
N ALA A 200 3.63 4.29 20.91
CA ALA A 200 3.02 4.34 22.23
C ALA A 200 2.11 5.57 22.36
N LEU A 201 0.85 5.35 22.72
CA LEU A 201 -0.07 6.43 23.01
C LEU A 201 -0.01 6.74 24.51
N ARG A 202 0.12 8.02 24.84
CA ARG A 202 0.36 8.46 26.22
C ARG A 202 -0.80 9.31 26.71
N THR A 203 -0.99 9.32 28.03
CA THR A 203 -2.06 10.11 28.62
C THR A 203 -1.55 11.50 28.94
N ALA A 204 -2.50 12.41 29.18
CA ALA A 204 -2.15 13.66 29.82
C ALA A 204 -1.59 13.34 31.21
N PRO A 205 -0.54 14.03 31.64
CA PRO A 205 0.01 13.76 32.97
C PRO A 205 -0.92 14.22 34.08
N ILE A 206 -0.66 13.70 35.27
CA ILE A 206 -1.33 14.13 36.49
C ILE A 206 -0.25 14.56 37.47
N GLN A 207 -0.41 15.74 38.07
CA GLN A 207 0.59 16.33 38.95
C GLN A 207 -0.01 16.49 40.34
N PRO A 208 0.07 15.46 41.18
CA PRO A 208 -0.40 15.60 42.56
C PRO A 208 0.62 16.35 43.40
N ARG A 209 0.17 16.73 44.60
CA ARG A 209 1.00 17.37 45.61
C ARG A 209 1.44 16.30 46.61
N VAL A 210 2.72 16.34 46.99
CA VAL A 210 3.25 15.38 47.96
C VAL A 210 3.55 16.13 49.25
N TRP A 211 2.96 15.66 50.35
CA TRP A 211 3.11 16.25 51.67
C TRP A 211 4.18 15.49 52.45
N GLU A 212 5.16 16.21 52.97
CA GLU A 212 6.19 15.62 53.82
C GLU A 212 5.75 15.58 55.28
N GLY B 1 -8.18 22.48 -11.14
CA GLY B 1 -9.05 22.07 -10.04
C GLY B 1 -8.58 22.50 -8.67
N ALA B 2 -8.79 21.63 -7.68
CA ALA B 2 -8.46 21.91 -6.29
C ALA B 2 -7.21 21.13 -5.89
N MET B 3 -6.74 21.40 -4.67
CA MET B 3 -5.62 20.64 -4.12
C MET B 3 -5.97 19.17 -3.98
N ALA B 4 -5.17 18.31 -4.59
CA ALA B 4 -5.46 16.88 -4.59
C ALA B 4 -4.18 16.11 -4.34
N GLN B 5 -4.35 14.88 -3.89
CA GLN B 5 -3.26 13.92 -3.87
C GLN B 5 -3.22 13.20 -5.22
N ASN B 6 -2.06 13.21 -5.86
CA ASN B 6 -1.89 12.50 -7.12
C ASN B 6 -1.68 11.02 -6.85
N ILE B 7 -2.49 10.19 -7.51
CA ILE B 7 -2.42 8.74 -7.41
C ILE B 7 -2.08 8.20 -8.79
N THR B 8 -1.09 7.32 -8.86
CA THR B 8 -0.74 6.61 -10.09
C THR B 8 -1.16 5.16 -9.94
N ALA B 9 -2.07 4.72 -10.78
CA ALA B 9 -2.68 3.39 -10.67
C ALA B 9 -2.34 2.58 -11.91
N ARG B 10 -1.87 1.36 -11.71
CA ARG B 10 -1.48 0.49 -12.81
C ARG B 10 -2.70 -0.23 -13.37
N ILE B 11 -2.82 -0.25 -14.70
CA ILE B 11 -3.96 -0.91 -15.34
C ILE B 11 -4.01 -2.39 -14.97
N GLY B 12 -5.18 -2.85 -14.57
CA GLY B 12 -5.36 -4.22 -14.20
C GLY B 12 -5.19 -4.49 -12.71
N GLU B 13 -4.54 -3.56 -11.94
CA GLU B 13 -4.39 -3.79 -10.51
C GLU B 13 -5.60 -3.23 -9.78
N PRO B 14 -5.88 -3.72 -8.56
CA PRO B 14 -6.90 -3.07 -7.72
C PRO B 14 -6.42 -1.70 -7.24
N LEU B 15 -7.39 -0.87 -6.87
CA LEU B 15 -7.10 0.42 -6.26
C LEU B 15 -8.03 0.67 -5.08
N VAL B 16 -7.46 1.12 -3.95
CA VAL B 16 -8.22 1.50 -2.77
C VAL B 16 -7.95 2.98 -2.49
N LEU B 17 -9.01 3.77 -2.42
CA LEU B 17 -8.89 5.18 -2.08
C LEU B 17 -9.57 5.45 -0.75
N LYS B 18 -8.83 6.07 0.16
CA LYS B 18 -9.30 6.24 1.53
C LYS B 18 -10.20 7.46 1.66
N CYS B 19 -11.29 7.30 2.40
CA CYS B 19 -12.17 8.41 2.76
C CYS B 19 -11.78 8.88 4.16
N LYS B 20 -10.81 9.78 4.22
CA LYS B 20 -10.36 10.32 5.50
C LYS B 20 -11.53 10.85 6.33
N GLY B 21 -11.44 10.66 7.64
CA GLY B 21 -12.42 11.23 8.55
C GLY B 21 -13.73 10.50 8.61
N ALA B 22 -13.85 9.34 7.99
CA ALA B 22 -15.13 8.65 8.09
C ALA B 22 -15.11 7.70 9.28
N PRO B 23 -16.28 7.41 9.85
CA PRO B 23 -16.34 6.35 10.87
C PRO B 23 -15.77 5.04 10.33
N LYS B 24 -15.23 4.24 11.25
CA LYS B 24 -14.51 3.03 10.85
C LYS B 24 -15.44 1.94 10.31
N LYS B 25 -16.74 2.04 10.57
CA LYS B 25 -17.70 1.02 10.15
C LYS B 25 -19.09 1.66 10.13
N PRO B 26 -20.01 1.11 9.35
CA PRO B 26 -21.36 1.68 9.32
C PRO B 26 -22.00 1.60 10.69
N PRO B 27 -22.86 2.57 11.04
CA PRO B 27 -23.39 3.71 10.28
C PRO B 27 -22.38 4.80 9.95
N GLN B 28 -22.44 5.26 8.70
CA GLN B 28 -21.48 6.21 8.15
C GLN B 28 -22.20 7.24 7.30
N ARG B 29 -21.86 8.52 7.48
CA ARG B 29 -22.35 9.61 6.65
C ARG B 29 -21.23 10.09 5.72
N LEU B 30 -21.16 9.47 4.54
CA LEU B 30 -20.12 9.80 3.58
C LEU B 30 -20.65 9.62 2.16
N GLU B 31 -19.97 10.28 1.24
CA GLU B 31 -20.38 10.24 -0.16
C GLU B 31 -19.15 10.41 -1.05
N TRP B 32 -19.07 9.59 -2.10
CA TRP B 32 -17.99 9.63 -3.08
C TRP B 32 -18.52 10.25 -4.36
N LYS B 33 -17.74 11.14 -4.96
CA LYS B 33 -18.03 11.72 -6.26
C LYS B 33 -16.84 11.47 -7.18
N LEU B 34 -17.12 11.03 -8.40
CA LEU B 34 -16.02 10.80 -9.33
C LEU B 34 -16.36 11.36 -10.69
N ASN B 35 -15.33 11.82 -11.40
CA ASN B 35 -15.46 12.29 -12.77
C ASN B 35 -14.31 11.65 -13.54
N THR B 36 -14.64 10.62 -14.32
CA THR B 36 -13.63 9.86 -15.06
C THR B 36 -14.08 9.68 -16.51
N GLY B 37 -13.33 8.88 -17.27
CA GLY B 37 -13.79 8.53 -18.59
C GLY B 37 -15.07 7.70 -18.58
N ARG B 38 -15.42 7.12 -17.43
CA ARG B 38 -16.67 6.39 -17.33
C ARG B 38 -17.87 7.29 -17.10
N THR B 39 -17.66 8.56 -16.74
CA THR B 39 -18.76 9.40 -16.31
C THR B 39 -19.04 10.54 -17.28
N GLU B 40 -20.28 10.99 -17.23
CA GLU B 40 -20.69 12.30 -17.74
C GLU B 40 -20.65 13.23 -16.54
N ALA B 41 -19.57 13.99 -16.42
CA ALA B 41 -19.32 14.91 -15.27
C ALA B 41 -19.29 14.09 -13.98
N TRP B 42 -19.92 14.56 -12.91
CA TRP B 42 -19.82 13.90 -11.61
C TRP B 42 -20.84 12.78 -11.46
N LYS B 43 -20.38 11.65 -10.92
CA LYS B 43 -21.22 10.53 -10.53
C LYS B 43 -21.06 10.30 -9.03
N VAL B 44 -22.17 10.13 -8.33
CA VAL B 44 -22.20 9.97 -6.88
C VAL B 44 -22.32 8.49 -6.53
N LEU B 45 -21.43 8.02 -5.66
CA LEU B 45 -21.43 6.67 -5.14
C LEU B 45 -21.63 6.71 -3.63
N SER B 46 -22.48 5.83 -3.13
CA SER B 46 -22.89 5.77 -1.74
C SER B 46 -22.56 4.41 -1.14
N PRO B 47 -22.45 4.31 0.19
CA PRO B 47 -22.20 3.01 0.82
C PRO B 47 -23.18 1.92 0.41
N GLN B 48 -24.43 2.28 0.12
CA GLN B 48 -25.43 1.28 -0.25
C GLN B 48 -25.11 0.63 -1.60
N GLY B 49 -24.48 1.37 -2.51
CA GLY B 49 -24.13 0.82 -3.80
C GLY B 49 -25.35 0.50 -4.65
N GLY B 50 -25.21 -0.51 -5.49
CA GLY B 50 -26.28 -0.92 -6.37
C GLY B 50 -26.04 -0.48 -7.80
N GLY B 51 -26.67 -1.19 -8.72
CA GLY B 51 -26.64 -0.82 -10.11
C GLY B 51 -25.35 -1.24 -10.80
N PRO B 52 -25.20 -0.82 -12.05
CA PRO B 52 -24.00 -1.25 -12.82
C PRO B 52 -22.69 -0.87 -12.17
N TRP B 53 -22.65 0.26 -11.45
CA TRP B 53 -21.40 0.71 -10.85
C TRP B 53 -20.83 -0.29 -9.86
N ASP B 54 -21.65 -1.21 -9.34
CA ASP B 54 -21.13 -2.25 -8.44
C ASP B 54 -20.08 -3.14 -9.12
N SER B 55 -20.10 -3.23 -10.45
CA SER B 55 -19.09 -4.02 -11.14
C SER B 55 -17.78 -3.27 -11.32
N VAL B 56 -17.74 -1.97 -11.02
CA VAL B 56 -16.60 -1.12 -11.31
C VAL B 56 -15.98 -0.55 -10.04
N ALA B 57 -16.81 0.00 -9.16
CA ALA B 57 -16.32 0.67 -7.97
C ALA B 57 -17.38 0.59 -6.89
N ARG B 58 -16.97 0.18 -5.69
CA ARG B 58 -17.91 0.02 -4.59
C ARG B 58 -17.26 0.52 -3.31
N VAL B 59 -18.10 1.06 -2.43
CA VAL B 59 -17.66 1.60 -1.14
C VAL B 59 -17.45 0.43 -0.18
N LEU B 60 -16.26 0.35 0.40
CA LEU B 60 -15.91 -0.70 1.36
C LEU B 60 -16.56 -0.45 2.72
N PRO B 61 -16.63 -1.48 3.57
CA PRO B 61 -17.19 -1.29 4.93
C PRO B 61 -16.60 -0.13 5.70
N ASN B 62 -15.30 0.13 5.55
CA ASN B 62 -14.64 1.23 6.23
C ASN B 62 -14.78 2.54 5.47
N GLY B 63 -15.56 2.56 4.38
CA GLY B 63 -15.82 3.79 3.65
C GLY B 63 -14.88 4.10 2.51
N SER B 64 -13.79 3.36 2.37
CA SER B 64 -12.90 3.54 1.23
C SER B 64 -13.57 3.06 -0.05
N LEU B 65 -13.17 3.64 -1.17
CA LEU B 65 -13.66 3.21 -2.49
C LEU B 65 -12.69 2.19 -3.08
N PHE B 66 -13.24 1.09 -3.59
CA PHE B 66 -12.44 -0.03 -4.10
C PHE B 66 -12.76 -0.26 -5.57
N LEU B 67 -11.73 -0.32 -6.39
CA LEU B 67 -11.83 -0.72 -7.79
C LEU B 67 -11.07 -2.04 -7.95
N PRO B 68 -11.76 -3.15 -8.25
CA PRO B 68 -11.04 -4.44 -8.37
C PRO B 68 -9.95 -4.44 -9.45
N ALA B 69 -10.18 -3.76 -10.58
CA ALA B 69 -9.17 -3.73 -11.64
C ALA B 69 -9.28 -2.42 -12.41
N VAL B 70 -8.29 -1.54 -12.22
CA VAL B 70 -8.27 -0.23 -12.86
C VAL B 70 -8.08 -0.37 -14.36
N GLY B 71 -8.91 0.36 -15.12
CA GLY B 71 -8.79 0.47 -16.56
C GLY B 71 -8.44 1.88 -17.02
N ILE B 72 -8.14 1.99 -18.33
CA ILE B 72 -7.77 3.29 -18.90
C ILE B 72 -8.83 4.36 -18.62
N GLN B 73 -10.12 4.08 -18.86
CA GLN B 73 -11.00 5.15 -18.42
C GLN B 73 -11.55 5.12 -17.03
N ASP B 74 -10.71 4.72 -16.05
CA ASP B 74 -10.90 5.13 -14.68
C ASP B 74 -10.11 6.38 -14.35
N GLU B 75 -9.21 6.83 -15.22
CA GLU B 75 -8.51 8.10 -14.98
C GLU B 75 -9.45 9.29 -14.77
N GLY B 76 -9.11 10.11 -13.79
CA GLY B 76 -9.96 11.25 -13.49
C GLY B 76 -9.84 11.66 -12.02
N ILE B 77 -10.96 12.08 -11.45
CA ILE B 77 -10.98 12.72 -10.13
C ILE B 77 -11.92 11.96 -9.21
N PHE B 78 -11.45 11.66 -8.00
CA PHE B 78 -12.23 10.93 -7.01
C PHE B 78 -12.24 11.75 -5.72
N ARG B 79 -13.43 12.05 -5.20
CA ARG B 79 -13.58 12.84 -3.99
C ARG B 79 -14.47 12.16 -2.99
N CYS B 80 -14.12 12.27 -1.72
CA CYS B 80 -14.97 11.82 -0.64
C CYS B 80 -15.28 12.98 0.28
N GLN B 81 -16.48 12.96 0.82
CA GLN B 81 -16.87 13.89 1.87
C GLN B 81 -17.54 13.08 2.96
N ALA B 82 -17.05 13.22 4.19
CA ALA B 82 -17.53 12.42 5.31
C ALA B 82 -17.72 13.26 6.55
N MET B 83 -18.62 12.80 7.40
CA MET B 83 -18.91 13.36 8.72
C MET B 83 -18.59 12.34 9.80
N ASN B 84 -17.79 12.73 10.80
CA ASN B 84 -17.65 11.85 11.93
C ASN B 84 -18.86 12.01 12.87
N ARG B 85 -18.96 11.06 13.82
CA ARG B 85 -20.06 11.04 14.77
C ARG B 85 -20.32 12.39 15.43
N ASN B 86 -19.26 13.10 15.81
CA ASN B 86 -19.42 14.46 16.35
C ASN B 86 -20.13 15.36 15.34
N GLY B 87 -19.53 15.56 14.17
CA GLY B 87 -20.18 16.33 13.14
C GLY B 87 -19.24 17.10 12.22
N LYS B 88 -17.94 17.01 12.47
CA LYS B 88 -16.97 17.65 11.59
C LYS B 88 -16.96 16.98 10.23
N GLU B 89 -16.93 17.81 9.18
CA GLU B 89 -16.83 17.33 7.81
C GLU B 89 -15.37 17.27 7.36
N THR B 90 -15.00 16.17 6.72
CA THR B 90 -13.68 15.97 6.16
C THR B 90 -13.78 15.64 4.68
N LYS B 91 -12.85 16.19 3.89
CA LYS B 91 -12.83 16.03 2.45
C LYS B 91 -11.55 15.32 2.03
N SER B 92 -11.66 14.49 0.99
CA SER B 92 -10.54 13.77 0.40
C SER B 92 -10.59 13.97 -1.10
N ASN B 93 -9.49 14.43 -1.70
CA ASN B 93 -9.45 14.77 -3.11
C ASN B 93 -8.29 14.05 -3.77
N TYR B 94 -8.59 13.23 -4.79
CA TYR B 94 -7.58 12.40 -5.46
C TYR B 94 -7.65 12.63 -6.97
N ARG B 95 -6.47 12.81 -7.57
CA ARG B 95 -6.34 12.87 -9.02
C ARG B 95 -5.67 11.57 -9.47
N VAL B 96 -6.45 10.68 -10.08
CA VAL B 96 -5.96 9.36 -10.48
C VAL B 96 -5.52 9.40 -11.94
N ARG B 97 -4.25 9.06 -12.16
CA ARG B 97 -3.65 8.87 -13.48
C ARG B 97 -3.26 7.41 -13.62
N VAL B 98 -3.62 6.79 -14.75
CA VAL B 98 -3.42 5.36 -14.93
C VAL B 98 -2.22 5.11 -15.83
N TYR B 99 -1.62 3.93 -15.69
CA TYR B 99 -0.41 3.60 -16.44
C TYR B 99 -0.29 2.09 -16.61
N GLN B 100 0.53 1.69 -17.59
CA GLN B 100 0.93 0.30 -17.76
C GLN B 100 2.38 0.27 -18.20
N ILE B 101 3.15 -0.67 -17.63
CA ILE B 101 4.57 -0.79 -17.98
C ILE B 101 4.68 -1.71 -19.20
N PRO B 102 5.41 -1.29 -20.23
CA PRO B 102 5.59 -2.16 -21.41
C PRO B 102 6.52 -3.31 -21.11
N GLY B 103 6.58 -4.23 -22.07
CA GLY B 103 7.60 -5.25 -22.03
C GLY B 103 8.96 -4.65 -22.30
N LYS B 104 9.98 -5.43 -22.00
CA LYS B 104 11.35 -5.00 -22.24
C LYS B 104 11.51 -4.52 -23.69
N PRO B 105 12.20 -3.40 -23.92
CA PRO B 105 12.43 -2.95 -25.30
C PRO B 105 13.36 -3.91 -26.02
N GLU B 106 13.13 -4.05 -27.33
CA GLU B 106 13.86 -5.03 -28.13
C GLU B 106 14.40 -4.37 -29.38
N ILE B 107 15.67 -4.62 -29.68
CA ILE B 107 16.27 -4.16 -30.92
C ILE B 107 16.08 -5.25 -31.97
N VAL B 108 15.24 -4.97 -32.96
CA VAL B 108 15.05 -5.80 -34.12
C VAL B 108 15.78 -5.15 -35.30
N ASP B 109 16.08 -5.98 -36.31
CA ASP B 109 16.82 -5.59 -37.50
C ASP B 109 17.95 -4.64 -37.16
N SER B 110 19.12 -5.18 -36.84
CA SER B 110 20.27 -4.36 -36.51
C SER B 110 21.33 -4.54 -37.58
N ALA B 111 22.14 -3.51 -37.76
CA ALA B 111 23.19 -3.55 -38.76
C ALA B 111 24.46 -4.08 -38.12
N SER B 112 25.12 -5.00 -38.82
CA SER B 112 26.37 -5.55 -38.33
CA SER B 112 26.37 -5.54 -38.32
C SER B 112 27.58 -4.71 -38.75
N GLU B 113 27.46 -3.96 -39.83
CA GLU B 113 28.56 -3.16 -40.36
C GLU B 113 28.06 -1.76 -40.72
N LEU B 114 28.77 -0.74 -40.26
CA LEU B 114 28.54 0.65 -40.64
C LEU B 114 29.74 1.18 -41.40
N THR B 115 29.49 2.12 -42.30
CA THR B 115 30.52 2.78 -43.08
C THR B 115 30.60 4.24 -42.66
N ALA B 116 31.80 4.68 -42.28
CA ALA B 116 31.98 6.03 -41.74
C ALA B 116 31.81 7.08 -42.84
N GLY B 117 31.32 8.26 -42.44
CA GLY B 117 31.11 9.35 -43.36
C GLY B 117 29.89 9.24 -44.25
N VAL B 118 29.13 8.15 -44.15
CA VAL B 118 27.89 7.96 -44.87
C VAL B 118 26.76 7.73 -43.87
N PRO B 119 25.52 8.11 -44.17
CA PRO B 119 24.41 7.76 -43.29
C PRO B 119 24.13 6.25 -43.33
N ASN B 120 23.98 5.66 -42.14
CA ASN B 120 23.81 4.23 -41.97
C ASN B 120 22.56 3.99 -41.14
N LYS B 121 21.74 3.02 -41.58
CA LYS B 121 20.68 2.51 -40.75
C LYS B 121 21.27 1.61 -39.67
N VAL B 122 21.09 1.99 -38.41
CA VAL B 122 21.69 1.25 -37.29
C VAL B 122 20.78 0.14 -36.79
N GLY B 123 19.48 0.40 -36.67
CA GLY B 123 18.59 -0.61 -36.11
C GLY B 123 17.20 -0.05 -35.90
N THR B 124 16.33 -0.93 -35.43
CA THR B 124 14.95 -0.60 -35.15
C THR B 124 14.63 -1.08 -33.74
N CYS B 125 14.09 -0.21 -32.91
CA CYS B 125 13.74 -0.57 -31.54
C CYS B 125 12.23 -0.62 -31.39
N VAL B 126 11.74 -1.64 -30.70
CA VAL B 126 10.30 -1.88 -30.53
C VAL B 126 9.98 -2.05 -29.06
N SER B 127 8.88 -1.43 -28.64
CA SER B 127 8.35 -1.50 -27.27
C SER B 127 6.85 -1.71 -27.33
N GLU B 128 6.35 -2.71 -26.61
CA GLU B 128 4.94 -3.08 -26.68
C GLU B 128 4.29 -3.06 -25.30
N GLY B 129 3.12 -2.43 -25.21
CA GLY B 129 2.26 -2.52 -24.05
C GLY B 129 2.32 -1.39 -23.06
N SER B 130 2.69 -0.19 -23.47
CA SER B 130 2.78 0.93 -22.56
C SER B 130 1.48 1.74 -22.53
N TYR B 131 1.21 2.33 -21.36
CA TYR B 131 0.21 3.38 -21.23
C TYR B 131 0.73 4.35 -20.17
N PRO B 132 0.70 5.67 -20.43
CA PRO B 132 0.58 6.29 -21.76
C PRO B 132 1.73 5.90 -22.69
N ALA B 133 1.71 6.41 -23.93
CA ALA B 133 2.62 5.95 -24.98
C ALA B 133 4.08 5.86 -24.50
N GLY B 134 4.61 6.95 -23.94
CA GLY B 134 6.02 6.97 -23.57
C GLY B 134 6.89 7.27 -24.78
N THR B 135 8.20 7.18 -24.58
CA THR B 135 9.11 7.55 -25.67
C THR B 135 10.22 6.50 -25.77
N LEU B 136 10.73 6.31 -26.99
CA LEU B 136 11.93 5.50 -27.20
C LEU B 136 13.11 6.41 -27.47
N SER B 137 14.28 6.09 -26.89
CA SER B 137 15.48 6.89 -27.04
CA SER B 137 15.48 6.89 -27.04
C SER B 137 16.68 5.99 -27.33
N TRP B 138 17.69 6.57 -27.99
CA TRP B 138 18.90 5.87 -28.39
C TRP B 138 20.12 6.40 -27.66
N HIS B 139 21.08 5.50 -27.39
CA HIS B 139 22.27 5.80 -26.63
C HIS B 139 23.50 5.21 -27.33
N LEU B 140 24.61 5.95 -27.28
CA LEU B 140 25.89 5.52 -27.81
C LEU B 140 26.91 5.46 -26.67
N ASP B 141 27.42 4.26 -26.37
CA ASP B 141 28.41 4.04 -25.31
C ASP B 141 27.96 4.68 -24.00
N GLY B 142 26.67 4.54 -23.69
CA GLY B 142 26.08 5.06 -22.48
C GLY B 142 25.65 6.52 -22.54
N LYS B 143 26.10 7.27 -23.56
CA LYS B 143 25.78 8.68 -23.67
C LYS B 143 24.57 8.91 -24.56
N PRO B 144 23.64 9.77 -24.15
CA PRO B 144 22.44 10.01 -24.96
C PRO B 144 22.78 10.47 -26.38
N LEU B 145 22.09 9.89 -27.37
CA LEU B 145 22.18 10.34 -28.73
C LEU B 145 21.07 11.36 -28.96
N VAL B 146 21.44 12.55 -29.44
CA VAL B 146 20.49 13.64 -29.58
C VAL B 146 20.02 13.67 -31.03
N PRO B 147 18.72 13.51 -31.29
CA PRO B 147 18.23 13.45 -32.67
C PRO B 147 18.46 14.73 -33.45
N ASN B 148 18.49 14.58 -34.77
CA ASN B 148 18.55 15.70 -35.72
C ASN B 148 19.69 16.65 -35.39
N GLU B 149 20.89 16.07 -35.24
CA GLU B 149 22.04 16.82 -34.73
C GLU B 149 23.28 15.95 -34.69
N LYS B 150 24.30 16.33 -35.46
CA LYS B 150 25.62 15.67 -35.47
C LYS B 150 25.51 14.23 -35.97
N GLY B 151 24.90 14.08 -37.15
CA GLY B 151 24.85 12.82 -37.84
C GLY B 151 23.72 11.90 -37.44
N VAL B 152 22.94 12.28 -36.42
CA VAL B 152 21.89 11.43 -35.86
C VAL B 152 20.55 11.81 -36.46
N SER B 153 19.82 10.81 -36.95
CA SER B 153 18.49 10.95 -37.49
C SER B 153 17.61 9.86 -36.87
N VAL B 154 16.50 10.24 -36.26
CA VAL B 154 15.58 9.29 -35.64
C VAL B 154 14.19 9.46 -36.25
N LYS B 155 13.57 8.35 -36.62
CA LYS B 155 12.18 8.34 -37.03
C LYS B 155 11.40 7.43 -36.08
N GLU B 156 10.15 7.77 -35.83
CA GLU B 156 9.38 7.07 -34.80
C GLU B 156 7.95 6.82 -35.28
N GLN B 157 7.33 5.80 -34.69
CA GLN B 157 5.99 5.38 -35.05
C GLN B 157 5.27 4.85 -33.81
N THR B 158 4.00 5.22 -33.68
CA THR B 158 3.17 4.85 -32.53
C THR B 158 1.90 4.16 -33.02
N ARG B 159 1.67 2.93 -32.55
CA ARG B 159 0.48 2.17 -32.87
C ARG B 159 -0.28 1.86 -31.59
N ARG B 160 -1.57 1.57 -31.72
CA ARG B 160 -2.43 1.38 -30.55
C ARG B 160 -3.17 0.07 -30.70
N HIS B 161 -3.14 -0.76 -29.65
CA HIS B 161 -3.82 -2.05 -29.70
C HIS B 161 -5.32 -1.81 -29.84
N PRO B 162 -5.97 -2.41 -30.84
CA PRO B 162 -7.38 -2.08 -31.12
C PRO B 162 -8.34 -2.40 -29.99
N GLU B 163 -8.00 -3.29 -29.06
CA GLU B 163 -8.93 -3.63 -27.99
C GLU B 163 -8.48 -3.21 -26.60
N THR B 164 -7.17 -3.25 -26.30
CA THR B 164 -6.71 -2.85 -24.97
C THR B 164 -6.35 -1.37 -24.88
N GLY B 165 -6.09 -0.71 -26.01
CA GLY B 165 -5.65 0.67 -25.99
C GLY B 165 -4.21 0.88 -25.62
N LEU B 166 -3.45 -0.18 -25.35
CA LEU B 166 -2.04 -0.03 -25.02
C LEU B 166 -1.22 0.30 -26.26
N PHE B 167 -0.09 0.96 -26.07
CA PHE B 167 0.70 1.50 -27.18
C PHE B 167 1.91 0.63 -27.51
N THR B 168 2.21 0.55 -28.80
CA THR B 168 3.42 -0.06 -29.32
C THR B 168 4.23 1.03 -30.02
N LEU B 169 5.51 1.15 -29.66
CA LEU B 169 6.40 2.14 -30.24
C LEU B 169 7.47 1.48 -31.09
N GLN B 170 7.85 2.14 -32.17
CA GLN B 170 8.92 1.64 -33.04
C GLN B 170 9.78 2.82 -33.48
N SER B 171 11.09 2.73 -33.21
CA SER B 171 12.04 3.81 -33.49
C SER B 171 13.17 3.30 -34.39
N GLU B 172 13.47 4.07 -35.44
CA GLU B 172 14.55 3.78 -36.38
C GLU B 172 15.66 4.82 -36.23
N LEU B 173 16.88 4.35 -36.01
CA LEU B 173 18.04 5.21 -35.83
C LEU B 173 18.96 5.14 -37.03
N MET B 174 19.38 6.29 -37.53
CA MET B 174 20.39 6.42 -38.56
C MET B 174 21.51 7.31 -38.04
N VAL B 175 22.75 6.91 -38.28
CA VAL B 175 23.91 7.66 -37.81
C VAL B 175 24.88 7.83 -38.96
N THR B 176 25.54 9.00 -39.01
CA THR B 176 26.67 9.21 -39.89
C THR B 176 27.93 9.18 -39.03
N PRO B 177 28.64 8.05 -38.96
CA PRO B 177 29.77 7.95 -38.03
C PRO B 177 30.96 8.77 -38.50
N ALA B 178 31.77 9.20 -37.53
CA ALA B 178 32.92 10.06 -37.81
C ALA B 178 34.17 9.23 -38.04
N ARG B 179 34.98 9.64 -39.02
CA ARG B 179 36.26 9.00 -39.27
C ARG B 179 37.16 9.15 -38.05
N GLY B 180 37.82 8.06 -37.67
CA GLY B 180 38.66 8.07 -36.50
C GLY B 180 37.94 7.75 -35.21
N GLY B 181 36.72 7.20 -35.29
CA GLY B 181 35.96 6.90 -34.11
C GLY B 181 36.19 5.46 -33.64
N ASP B 182 35.47 5.10 -32.59
CA ASP B 182 35.51 3.72 -32.11
C ASP B 182 35.05 2.82 -33.24
N PRO B 183 35.88 1.86 -33.69
CA PRO B 183 35.41 0.94 -34.74
C PRO B 183 34.43 -0.10 -34.24
N ARG B 184 34.24 -0.22 -32.93
CA ARG B 184 33.23 -1.12 -32.34
C ARG B 184 32.39 -0.32 -31.35
N PRO B 185 31.57 0.61 -31.84
CA PRO B 185 30.71 1.40 -30.95
C PRO B 185 29.56 0.57 -30.42
N THR B 186 29.03 1.00 -29.27
CA THR B 186 27.97 0.28 -28.57
C THR B 186 26.70 1.12 -28.54
N PHE B 187 25.67 0.70 -29.28
CA PHE B 187 24.38 1.38 -29.34
C PHE B 187 23.37 0.62 -28.49
N SER B 188 22.54 1.36 -27.75
CA SER B 188 21.45 0.79 -26.98
C SER B 188 20.19 1.61 -27.17
N CYS B 189 19.05 0.98 -26.90
CA CYS B 189 17.75 1.64 -26.92
C CYS B 189 17.08 1.51 -25.57
N SER B 190 16.31 2.54 -25.18
CA SER B 190 15.65 2.54 -23.90
C SER B 190 14.25 3.15 -24.00
N PHE B 191 13.36 2.67 -23.15
CA PHE B 191 12.00 3.22 -23.02
C PHE B 191 11.96 4.20 -21.86
N SER B 192 11.37 5.37 -22.09
CA SER B 192 11.19 6.41 -21.09
C SER B 192 9.71 6.52 -20.77
N PRO B 193 9.32 6.33 -19.50
CA PRO B 193 7.89 6.29 -19.16
C PRO B 193 7.23 7.65 -19.25
N GLY B 194 5.91 7.63 -19.50
CA GLY B 194 5.10 8.83 -19.54
C GLY B 194 4.74 9.39 -18.18
N LEU B 195 4.02 8.61 -17.37
CA LEU B 195 3.75 9.07 -16.02
C LEU B 195 5.07 8.96 -15.27
N PRO B 196 5.56 10.04 -14.67
CA PRO B 196 6.96 10.09 -14.21
C PRO B 196 7.36 9.17 -13.07
N ARG B 197 8.66 9.26 -12.76
CA ARG B 197 9.36 8.66 -11.63
C ARG B 197 9.62 7.18 -11.81
N HIS B 198 9.31 6.61 -12.98
CA HIS B 198 9.57 5.21 -13.22
C HIS B 198 10.91 5.08 -13.93
N ARG B 199 11.53 3.91 -13.76
CA ARG B 199 12.87 3.68 -14.26
C ARG B 199 12.86 3.46 -15.77
N ALA B 200 14.03 3.66 -16.38
CA ALA B 200 14.20 3.42 -17.80
C ALA B 200 14.50 1.94 -18.04
N LEU B 201 13.73 1.34 -18.96
CA LEU B 201 13.97 -0.02 -19.41
C LEU B 201 14.92 0.03 -20.60
N ARG B 202 15.97 -0.79 -20.58
CA ARG B 202 17.03 -0.71 -21.57
C ARG B 202 17.13 -2.00 -22.38
N THR B 203 17.59 -1.86 -23.62
CA THR B 203 17.76 -3.03 -24.47
C THR B 203 19.16 -3.62 -24.27
N ALA B 204 19.34 -4.83 -24.77
CA ALA B 204 20.68 -5.38 -24.92
C ALA B 204 21.45 -4.49 -25.90
N PRO B 205 22.71 -4.24 -25.64
CA PRO B 205 23.51 -3.45 -26.60
C PRO B 205 23.68 -4.15 -27.93
N ILE B 206 24.04 -3.37 -28.95
CA ILE B 206 24.45 -3.90 -30.25
C ILE B 206 25.77 -3.23 -30.59
N GLN B 207 26.74 -4.02 -31.01
CA GLN B 207 28.09 -3.54 -31.29
C GLN B 207 28.43 -3.83 -32.75
N PRO B 208 28.09 -2.92 -33.66
CA PRO B 208 28.48 -3.10 -35.06
C PRO B 208 29.94 -2.72 -35.27
N ARG B 209 30.44 -3.08 -36.45
CA ARG B 209 31.78 -2.73 -36.89
C ARG B 209 31.70 -1.50 -37.78
N VAL B 210 32.62 -0.56 -37.60
CA VAL B 210 32.66 0.66 -38.40
C VAL B 210 33.90 0.62 -39.29
N TRP B 211 33.67 0.77 -40.60
CA TRP B 211 34.72 0.75 -41.60
C TRP B 211 35.15 2.17 -41.95
N GLU B 212 36.45 2.43 -41.89
CA GLU B 212 36.99 3.73 -42.29
C GLU B 212 37.24 3.76 -43.78
C ACT C . 3.92 -20.97 7.15
O ACT C . 3.65 -21.60 8.17
OXT ACT C . 4.14 -21.47 6.05
CH3 ACT C . 3.99 -19.44 7.24
C ACT D . 4.87 -26.19 4.22
O ACT D . 3.86 -26.42 3.55
OXT ACT D . 5.94 -26.79 4.07
CH3 ACT D . 4.82 -25.12 5.29
C01 V6S E . 0.02 -25.44 -8.50
C02 V6S E . -1.15 -26.07 -8.10
C03 V6S E . -2.38 -25.55 -8.48
C04 V6S E . -2.42 -24.40 -9.27
C05 V6S E . -1.25 -23.77 -9.65
C06 V6S E . -0.03 -24.30 -9.27
C08 V6S E . -4.09 -24.37 -10.90
C09 V6S E . -5.33 -23.96 -11.38
C10 V6S E . -5.78 -24.43 -12.60
C11 V6S E . -4.99 -25.29 -13.34
C12 V6S E . -3.76 -25.70 -12.87
C13 V6S E . -3.31 -25.24 -11.64
C14 V6S E . -5.50 -25.80 -14.69
O07 V6S E . -3.66 -23.87 -9.65
O15 V6S E . -6.71 -25.62 -15.00
O16 V6S E . 1.15 -23.67 -9.66
O17 V6S E . -4.71 -26.39 -15.48
C01 V6S F . -13.43 -10.09 -9.02
C02 V6S F . -12.94 -10.83 -7.97
C03 V6S F . -13.00 -10.39 -6.67
C04 V6S F . -13.62 -9.19 -6.36
C05 V6S F . -14.10 -8.44 -7.43
C06 V6S F . -14.03 -8.88 -8.74
C08 V6S F . -14.86 -8.94 -4.26
C09 V6S F . -14.81 -9.06 -2.87
C10 V6S F . -15.97 -9.20 -2.11
C11 V6S F . -17.22 -9.23 -2.74
C12 V6S F . -17.28 -9.11 -4.12
C13 V6S F . -16.12 -8.98 -4.87
C14 V6S F . -18.52 -9.39 -1.97
O07 V6S F . -13.67 -8.78 -5.00
O15 V6S F . -18.53 -9.81 -0.78
O16 V6S F . -14.54 -8.10 -9.79
O17 V6S F . -19.61 -9.07 -2.51
C01 V6M G . 2.66 -25.55 -0.70
C03 V6M G . 2.16 -24.37 -1.24
C04 V6M G . 2.97 -23.34 -0.82
C05 V6M G . 3.96 -23.89 0.00
C06 V6M G . 2.09 -26.95 -0.88
C07 V6M G . 0.95 -24.25 -2.17
C08 V6M G . 5.06 -22.99 0.66
C11 V6M G . 2.96 -21.79 -1.08
C12 V6M G . 4.01 -20.90 -0.44
C13 V6M G . 5.06 -21.51 0.42
C14 V6M G . 6.13 -23.64 1.55
C15 V6M G . -0.02 -23.08 -2.05
C16 V6M G . 0.69 -25.32 -3.22
C17 V6M G . -0.52 -25.24 -4.16
C18 V6M G . -1.23 -22.98 -2.98
C19 V6M G . -1.48 -24.05 -4.03
N02 V6M G . 3.76 -25.25 0.07
O09 V6M G . 2.79 -27.83 -1.47
O10 V6M G . 0.94 -27.21 -0.46
C ACT H . -9.29 18.31 -8.67
O ACT H . -10.10 18.95 -8.03
OXT ACT H . -8.71 17.31 -8.22
CH3 ACT H . -8.94 18.72 -10.08
C ACT I . -22.65 16.66 -8.57
O ACT I . -21.87 17.52 -8.17
OXT ACT I . -22.93 16.47 -9.76
CH3 ACT I . -23.29 15.75 -7.53
C01 V6S J . -16.13 -5.36 -6.97
C02 V6S J . -15.53 -6.16 -6.03
C03 V6S J . -15.27 -5.75 -4.74
C04 V6S J . -15.66 -4.49 -4.35
C05 V6S J . -16.25 -3.66 -5.29
C06 V6S J . -16.50 -4.10 -6.59
C08 V6S J . -16.30 -4.52 -2.05
C09 V6S J . -17.22 -3.65 -1.48
C10 V6S J . -18.09 -4.09 -0.51
C11 V6S J . -18.04 -5.41 -0.07
C12 V6S J . -17.12 -6.29 -0.64
C13 V6S J . -16.25 -5.84 -1.62
C14 V6S J . -19.01 -5.92 1.00
O07 V6S J . -15.40 -4.04 -3.04
O15 V6S J . -18.74 -5.74 2.22
O16 V6S J . -17.12 -3.26 -7.53
O17 V6S J . -20.07 -6.51 0.67
C01 V6S K . -21.42 15.98 2.80
C02 V6S K . -22.33 15.54 1.86
C03 V6S K . -22.75 14.23 1.86
C04 V6S K . -22.27 13.35 2.82
C05 V6S K . -21.36 13.78 3.76
C06 V6S K . -20.94 15.09 3.76
C08 V6S K . -23.86 11.86 3.59
C09 V6S K . -24.31 12.86 4.44
C10 V6S K . -25.45 12.70 5.20
C11 V6S K . -26.15 11.51 5.11
C12 V6S K . -25.71 10.50 4.27
C13 V6S K . -24.57 10.67 3.51
C14 V6S K . -27.41 11.30 5.94
O07 V6S K . -22.70 12.01 2.82
O15 V6S K . -27.93 12.27 6.55
O16 V6S K . -20.02 15.53 4.72
O17 V6S K . -27.92 10.15 6.01
C01 V6M L . -16.64 19.17 -3.09
C03 V6M L . -16.34 17.92 -2.56
C04 V6M L . -14.98 17.87 -2.39
C05 V6M L . -14.45 19.09 -2.80
C06 V6M L . -18.02 19.71 -3.45
C07 V6M L . -17.36 16.83 -2.23
C08 V6M L . -12.90 19.37 -2.73
C11 V6M L . -14.02 16.76 -1.83
C12 V6M L . -12.53 17.01 -1.76
C13 V6M L . -11.97 18.32 -2.21
C14 V6M L . -12.38 20.72 -3.21
C15 V6M L . -17.07 15.36 -2.54
C16 V6M L . -18.69 17.21 -1.57
C17 V6M L . -19.73 16.13 -1.24
C18 V6M L . -18.10 14.29 -2.19
C19 V6M L . -19.43 14.67 -1.54
N02 V6M L . -15.48 19.89 -3.23
O09 V6M L . -18.76 19.04 -4.23
O10 V6M L . -18.42 20.81 -2.98
#